data_2ZH8
#
_entry.id   2ZH8
#
_cell.length_a   57.886
_cell.length_b   57.886
_cell.length_c   440.537
_cell.angle_alpha   90.00
_cell.angle_beta   90.00
_cell.angle_gamma   90.00
#
_symmetry.space_group_name_H-M   'P 43 21 2'
#
loop_
_entity.id
_entity.type
_entity.pdbx_description
1 polymer 'tRNA (34-MER)'
2 polymer 'CCA-adding enzyme'
3 non-polymer 'SULFATE ION'
4 water water
#
loop_
_entity_poly.entity_id
_entity_poly.type
_entity_poly.pdbx_seq_one_letter_code
_entity_poly.pdbx_strand_id
1 'polyribonucleotide' GGCCCGGGGCGGUUCGAUUCCGCCCUGGGCCAGC B
2 'polypeptide(L)'
;MKVEEILEKALELVIPDEEEVRKGREAEEELRRRLDELGVEYVFVGSYARNTWLKGSLEIDVFLLFPEEFSKEELRERGL
EIGKAVLDSYEIRYAEHPYVHGVVKGVEVDVVPCYKLKEPKNIKSAVDRTPFHHKWLEGRIKGKENEVRLLKGFLKANGI
YGAEYKVRGFSGYLCELLIVFYGSFLETVKNARRWTRRTVIDVAKGEVRKGEEFFVVDPVDEKRNVAANLSLDNLARFVH
LCREFMEAPSLGFFKPKHPLEIEPERLRKIVEERGTAVFAVKFRKPDIVDDNLYPQLERASRKIFEFLERENFMPLRSAF
KASEEFCYLLFECQIKEISRVFRRMGPQFEDERNVKKFLSRNRAFRPFIENGRWWAFEMRKFTTPEEGVRSYASTHWHTL
GKNVGESIREYFEIISGEKLFKEPVTAELCEMMGVKD
;
A
#
# COMPACT_ATOMS: atom_id res chain seq x y z
N MET B 1 9.97 -5.57 -31.84
CA MET B 1 9.29 -6.54 -30.94
C MET B 1 10.26 -7.23 -29.96
N LYS B 2 11.48 -6.68 -29.85
CA LYS B 2 12.50 -7.20 -28.94
C LYS B 2 12.74 -6.16 -27.83
N VAL B 3 13.34 -6.60 -26.72
CA VAL B 3 13.59 -5.73 -25.58
C VAL B 3 13.98 -4.29 -25.92
N GLU B 4 15.18 -4.12 -26.49
CA GLU B 4 15.69 -2.79 -26.86
C GLU B 4 14.63 -2.02 -27.66
N GLU B 5 13.94 -2.71 -28.54
CA GLU B 5 12.90 -2.11 -29.39
C GLU B 5 11.79 -1.49 -28.55
N ILE B 6 11.29 -2.28 -27.61
CA ILE B 6 10.19 -1.86 -26.72
C ILE B 6 10.58 -0.72 -25.79
N LEU B 7 11.77 -0.80 -25.21
CA LEU B 7 12.22 0.22 -24.29
C LEU B 7 12.30 1.58 -24.98
N GLU B 8 12.63 1.59 -26.27
CA GLU B 8 12.72 2.85 -27.01
C GLU B 8 11.34 3.46 -27.15
N LYS B 9 10.35 2.60 -27.31
CA LYS B 9 8.98 3.06 -27.44
C LYS B 9 8.42 3.45 -26.08
N ALA B 10 8.94 2.80 -25.03
CA ALA B 10 8.50 3.07 -23.66
C ALA B 10 8.90 4.46 -23.17
N LEU B 11 10.12 4.87 -23.48
CA LEU B 11 10.60 6.19 -23.04
C LEU B 11 9.57 7.24 -23.39
N GLU B 12 8.87 7.00 -24.50
CA GLU B 12 7.84 7.90 -25.01
C GLU B 12 6.68 8.07 -24.05
N LEU B 13 6.39 7.03 -23.27
CA LEU B 13 5.31 7.07 -22.29
C LEU B 13 5.79 7.53 -20.90
N VAL B 14 7.10 7.47 -20.66
CA VAL B 14 7.65 7.85 -19.36
C VAL B 14 8.40 9.19 -19.34
N ILE B 15 9.08 9.53 -20.43
CA ILE B 15 9.81 10.79 -20.46
C ILE B 15 8.89 11.97 -20.75
N PRO B 16 9.01 13.06 -19.96
CA PRO B 16 8.19 14.27 -20.13
C PRO B 16 8.49 14.93 -21.47
N ASP B 17 7.46 15.44 -22.14
CA ASP B 17 7.64 16.12 -23.42
C ASP B 17 8.18 17.53 -23.18
N GLU B 18 8.65 18.19 -24.24
CA GLU B 18 9.23 19.54 -24.12
C GLU B 18 8.38 20.59 -23.37
N GLU B 19 7.10 20.63 -23.67
CA GLU B 19 6.19 21.59 -23.03
C GLU B 19 6.05 21.34 -21.53
N GLU B 20 6.01 20.07 -21.13
CA GLU B 20 5.89 19.73 -19.72
C GLU B 20 7.20 20.08 -19.03
N VAL B 21 8.30 19.91 -19.74
CA VAL B 21 9.60 20.24 -19.19
C VAL B 21 9.76 21.76 -19.10
N ARG B 22 9.49 22.45 -20.20
CA ARG B 22 9.61 23.90 -20.23
C ARG B 22 8.77 24.52 -19.12
N LYS B 23 7.54 24.04 -19.00
CA LYS B 23 6.61 24.53 -17.98
C LYS B 23 7.27 24.40 -16.61
N GLY B 24 7.90 23.26 -16.37
CA GLY B 24 8.54 23.02 -15.10
C GLY B 24 9.72 23.94 -14.89
N ARG B 25 10.43 24.23 -15.97
CA ARG B 25 11.58 25.11 -15.92
C ARG B 25 11.17 26.53 -15.52
N GLU B 26 10.14 27.04 -16.18
CA GLU B 26 9.67 28.39 -15.90
C GLU B 26 9.15 28.56 -14.48
N ALA B 27 8.67 27.47 -13.89
CA ALA B 27 8.17 27.48 -12.52
C ALA B 27 9.38 27.51 -11.58
N GLU B 28 10.40 26.71 -11.89
CA GLU B 28 11.61 26.67 -11.07
C GLU B 28 12.25 28.07 -11.07
N GLU B 29 12.40 28.66 -12.25
CA GLU B 29 13.00 29.97 -12.35
C GLU B 29 12.22 30.97 -11.50
N GLU B 30 10.91 31.07 -11.73
CA GLU B 30 10.09 32.00 -10.97
C GLU B 30 10.13 31.74 -9.46
N LEU B 31 10.21 30.47 -9.10
CA LEU B 31 10.27 30.11 -7.69
C LEU B 31 11.62 30.49 -7.07
N ARG B 32 12.69 30.36 -7.85
CA ARG B 32 14.02 30.73 -7.38
C ARG B 32 14.06 32.22 -7.03
N ARG B 33 13.58 33.05 -7.96
CA ARG B 33 13.57 34.49 -7.74
C ARG B 33 12.77 34.92 -6.50
N ARG B 34 11.54 34.43 -6.40
CA ARG B 34 10.68 34.76 -5.27
C ARG B 34 11.37 34.44 -3.95
N LEU B 35 12.11 33.34 -3.91
CA LEU B 35 12.82 32.95 -2.70
C LEU B 35 14.07 33.78 -2.44
N ASP B 36 14.77 34.11 -3.52
CA ASP B 36 15.99 34.90 -3.40
C ASP B 36 15.69 36.34 -2.99
N GLU B 37 14.53 36.84 -3.41
CA GLU B 37 14.15 38.19 -3.03
C GLU B 37 14.01 38.24 -1.50
N LEU B 38 13.63 37.12 -0.91
CA LEU B 38 13.48 37.04 0.53
C LEU B 38 14.78 36.54 1.15
N GLY B 39 15.76 36.25 0.32
CA GLY B 39 17.03 35.76 0.81
C GLY B 39 16.85 34.53 1.67
N VAL B 40 16.12 33.55 1.16
CA VAL B 40 15.86 32.32 1.89
C VAL B 40 16.89 31.25 1.54
N GLU B 41 17.35 30.52 2.56
CA GLU B 41 18.29 29.44 2.35
C GLU B 41 17.46 28.19 2.06
N TYR B 42 17.56 27.71 0.82
CA TYR B 42 16.80 26.56 0.38
C TYR B 42 17.57 25.67 -0.59
N VAL B 43 17.05 24.46 -0.79
CA VAL B 43 17.64 23.52 -1.72
C VAL B 43 16.55 22.71 -2.41
N PHE B 44 16.61 22.65 -3.74
CA PHE B 44 15.64 21.86 -4.52
C PHE B 44 16.00 20.36 -4.44
N VAL B 45 15.03 19.53 -4.10
CA VAL B 45 15.26 18.10 -3.99
C VAL B 45 14.20 17.31 -4.78
N GLY B 46 14.27 15.98 -4.70
CA GLY B 46 13.30 15.14 -5.38
C GLY B 46 13.49 14.92 -6.87
N SER B 47 12.59 14.13 -7.43
CA SER B 47 12.63 13.78 -8.84
C SER B 47 12.67 14.96 -9.81
N TYR B 48 12.22 16.13 -9.39
CA TYR B 48 12.27 17.24 -10.32
C TYR B 48 13.67 17.82 -10.34
N ALA B 49 14.31 17.85 -9.18
CA ALA B 49 15.66 18.40 -9.08
C ALA B 49 16.66 17.51 -9.79
N ARG B 50 16.40 16.20 -9.83
CA ARG B 50 17.29 15.26 -10.50
C ARG B 50 16.75 14.80 -11.86
N ASN B 51 15.81 15.54 -12.41
CA ASN B 51 15.21 15.23 -13.71
C ASN B 51 14.91 13.73 -13.88
N THR B 52 14.22 13.15 -12.91
CA THR B 52 13.89 11.74 -12.96
C THR B 52 12.40 11.49 -12.78
N TRP B 53 11.61 12.56 -12.81
CA TRP B 53 10.17 12.46 -12.64
C TRP B 53 9.49 11.87 -13.86
N LEU B 54 8.49 11.04 -13.60
CA LEU B 54 7.72 10.35 -14.63
C LEU B 54 6.79 11.32 -15.35
N LYS B 55 6.75 11.22 -16.68
CA LYS B 55 5.91 12.09 -17.50
C LYS B 55 4.51 12.22 -16.92
N GLY B 56 4.12 13.44 -16.61
CA GLY B 56 2.80 13.69 -16.05
C GLY B 56 2.78 13.90 -14.56
N SER B 57 3.88 13.61 -13.88
CA SER B 57 3.94 13.80 -12.44
C SER B 57 4.87 14.94 -12.05
N LEU B 58 4.79 16.06 -12.78
CA LEU B 58 5.63 17.20 -12.46
C LEU B 58 5.23 17.83 -11.13
N GLU B 59 6.17 17.85 -10.19
CA GLU B 59 5.94 18.46 -8.89
C GLU B 59 7.31 18.85 -8.33
N ILE B 60 7.46 20.12 -8.01
CA ILE B 60 8.71 20.66 -7.48
C ILE B 60 8.79 20.59 -5.96
N ASP B 61 9.92 20.12 -5.45
CA ASP B 61 10.12 20.02 -4.01
C ASP B 61 11.22 20.95 -3.54
N VAL B 62 10.85 21.89 -2.66
CA VAL B 62 11.77 22.86 -2.12
C VAL B 62 11.85 22.67 -0.61
N PHE B 63 13.03 22.36 -0.10
CA PHE B 63 13.22 22.17 1.32
C PHE B 63 13.96 23.36 1.90
N LEU B 64 13.37 23.95 2.93
CA LEU B 64 13.94 25.12 3.58
C LEU B 64 14.90 24.69 4.67
N LEU B 65 16.16 25.07 4.52
CA LEU B 65 17.16 24.70 5.51
C LEU B 65 17.08 25.61 6.72
N PHE B 66 17.03 25.02 7.90
CA PHE B 66 16.97 25.80 9.12
C PHE B 66 18.10 25.42 10.05
N PRO B 67 18.60 26.39 10.82
CA PRO B 67 19.70 26.08 11.74
C PRO B 67 19.31 24.97 12.70
N GLU B 68 20.27 24.10 12.99
CA GLU B 68 20.07 22.97 13.88
C GLU B 68 19.40 23.33 15.22
N GLU B 69 19.72 24.51 15.74
CA GLU B 69 19.19 24.94 17.02
C GLU B 69 17.75 25.43 17.12
N PHE B 70 17.09 25.69 15.99
CA PHE B 70 15.70 26.15 16.01
C PHE B 70 14.74 25.13 16.62
N SER B 71 13.67 25.63 17.23
CA SER B 71 12.65 24.78 17.82
C SER B 71 11.80 24.31 16.64
N LYS B 72 11.17 23.15 16.76
CA LYS B 72 10.34 22.66 15.66
C LYS B 72 9.23 23.67 15.34
N GLU B 73 8.78 24.40 16.36
CA GLU B 73 7.74 25.41 16.19
C GLU B 73 8.18 26.54 15.25
N GLU B 74 9.45 26.97 15.35
CA GLU B 74 9.95 28.02 14.48
C GLU B 74 9.90 27.57 13.04
N LEU B 75 10.38 26.35 12.80
CA LEU B 75 10.39 25.79 11.47
C LEU B 75 9.00 25.79 10.83
N ARG B 76 7.97 25.42 11.59
CA ARG B 76 6.64 25.42 11.01
C ARG B 76 6.15 26.85 10.77
N GLU B 77 6.21 27.70 11.79
CA GLU B 77 5.75 29.08 11.64
C GLU B 77 6.49 29.84 10.53
N ARG B 78 7.83 29.88 10.61
CA ARG B 78 8.59 30.58 9.58
C ARG B 78 8.40 29.88 8.22
N GLY B 79 8.29 28.56 8.26
CA GLY B 79 8.08 27.79 7.05
C GLY B 79 6.75 28.13 6.42
N LEU B 80 5.76 28.38 7.25
CA LEU B 80 4.42 28.72 6.78
C LEU B 80 4.42 30.13 6.19
N GLU B 81 5.16 31.02 6.82
CA GLU B 81 5.25 32.40 6.37
C GLU B 81 5.89 32.47 4.99
N ILE B 82 6.97 31.72 4.81
CA ILE B 82 7.69 31.69 3.55
C ILE B 82 6.87 31.07 2.42
N GLY B 83 6.32 29.88 2.65
CA GLY B 83 5.53 29.24 1.62
C GLY B 83 4.37 30.13 1.20
N LYS B 84 3.82 30.82 2.18
CA LYS B 84 2.69 31.70 1.98
C LYS B 84 3.05 32.88 1.05
N ALA B 85 4.22 33.48 1.29
CA ALA B 85 4.65 34.62 0.50
C ALA B 85 5.19 34.24 -0.89
N VAL B 86 5.52 32.97 -1.07
CA VAL B 86 6.09 32.57 -2.34
C VAL B 86 5.21 31.77 -3.28
N LEU B 87 4.04 31.36 -2.82
CA LEU B 87 3.17 30.56 -3.67
C LEU B 87 2.00 31.34 -4.25
N ASP B 88 1.59 30.98 -5.47
CA ASP B 88 0.44 31.62 -6.10
C ASP B 88 -0.80 31.28 -5.26
N SER B 89 -0.90 30.02 -4.86
CA SER B 89 -2.00 29.49 -4.03
C SER B 89 -1.36 28.55 -3.01
N TYR B 90 -1.87 28.51 -1.80
CA TYR B 90 -1.29 27.61 -0.83
C TYR B 90 -2.32 26.78 -0.10
N GLU B 91 -1.83 25.90 0.76
CA GLU B 91 -2.68 24.99 1.51
C GLU B 91 -1.80 24.18 2.46
N ILE B 92 -2.02 24.28 3.76
CA ILE B 92 -1.21 23.51 4.69
C ILE B 92 -1.45 22.01 4.51
N ARG B 93 -0.37 21.23 4.62
CA ARG B 93 -0.42 19.78 4.46
C ARG B 93 0.13 19.22 5.77
N TYR B 94 0.11 17.89 5.94
CA TYR B 94 0.64 17.32 7.17
C TYR B 94 1.25 15.95 6.98
N ALA B 95 2.49 15.81 7.42
CA ALA B 95 3.21 14.54 7.38
C ALA B 95 3.57 14.33 8.85
N GLU B 96 4.84 14.09 9.16
CA GLU B 96 5.23 13.93 10.56
C GLU B 96 5.07 15.31 11.20
N HIS B 97 5.19 16.34 10.37
CA HIS B 97 5.05 17.75 10.77
C HIS B 97 4.40 18.50 9.62
N PRO B 98 3.69 19.59 9.92
CA PRO B 98 3.01 20.39 8.88
C PRO B 98 3.95 21.08 7.91
N TYR B 99 3.51 21.24 6.67
CA TYR B 99 4.29 21.93 5.66
C TYR B 99 3.34 22.66 4.73
N VAL B 100 3.85 23.24 3.65
CA VAL B 100 2.98 24.00 2.74
C VAL B 100 2.99 23.51 1.30
N HIS B 101 1.81 23.30 0.74
CA HIS B 101 1.70 22.86 -0.64
C HIS B 101 1.07 24.01 -1.40
N GLY B 102 1.33 24.08 -2.72
CA GLY B 102 0.76 25.15 -3.51
C GLY B 102 1.11 25.09 -4.98
N VAL B 103 0.86 26.17 -5.69
CA VAL B 103 1.12 26.26 -7.14
C VAL B 103 1.95 27.49 -7.52
N VAL B 104 2.73 27.36 -8.59
CA VAL B 104 3.54 28.47 -9.10
C VAL B 104 3.62 28.36 -10.62
N LYS B 105 3.02 29.32 -11.32
CA LYS B 105 3.01 29.31 -12.77
C LYS B 105 2.54 27.98 -13.29
N GLY B 106 1.45 27.49 -12.69
CA GLY B 106 0.90 26.22 -13.12
C GLY B 106 1.40 24.91 -12.56
N VAL B 107 2.52 24.87 -11.82
CA VAL B 107 2.98 23.58 -11.30
C VAL B 107 2.98 23.38 -9.78
N GLU B 108 2.64 22.15 -9.38
CA GLU B 108 2.54 21.76 -7.99
C GLU B 108 3.87 21.92 -7.25
N VAL B 109 3.80 22.59 -6.11
CA VAL B 109 5.00 22.84 -5.29
C VAL B 109 4.83 22.48 -3.82
N ASP B 110 5.89 21.95 -3.22
CA ASP B 110 5.89 21.59 -1.81
C ASP B 110 6.98 22.42 -1.13
N VAL B 111 6.61 23.20 -0.12
CA VAL B 111 7.58 24.01 0.63
C VAL B 111 7.66 23.36 2.00
N VAL B 112 8.75 22.61 2.19
CA VAL B 112 8.99 21.83 3.39
C VAL B 112 10.11 22.32 4.30
N PRO B 113 9.83 22.49 5.59
CA PRO B 113 10.83 22.95 6.56
C PRO B 113 11.64 21.76 7.09
N CYS B 114 12.95 21.94 7.24
CA CYS B 114 13.82 20.88 7.78
C CYS B 114 15.07 21.54 8.35
N TYR B 115 15.86 20.77 9.09
CA TYR B 115 17.09 21.29 9.68
C TYR B 115 18.28 21.14 8.74
N LYS B 116 19.09 22.19 8.61
CA LYS B 116 20.28 22.13 7.77
C LYS B 116 21.35 21.49 8.65
N LEU B 117 21.65 20.22 8.40
CA LEU B 117 22.63 19.49 9.19
C LEU B 117 23.81 18.92 8.43
N LYS B 118 24.88 18.59 9.15
CA LYS B 118 26.04 17.94 8.56
C LYS B 118 26.03 16.60 9.28
N GLU B 119 26.18 15.51 8.52
CA GLU B 119 26.16 14.16 9.10
C GLU B 119 24.84 13.60 9.65
N PRO B 120 24.26 12.62 8.94
CA PRO B 120 22.96 11.98 9.15
C PRO B 120 22.48 11.85 10.60
N LYS B 121 23.40 11.55 11.52
CA LYS B 121 23.01 11.44 12.92
C LYS B 121 22.43 12.83 13.23
N ASN B 122 21.73 12.99 14.34
CA ASN B 122 21.16 14.29 14.70
C ASN B 122 19.91 14.59 13.86
N ILE B 123 19.47 13.61 13.10
CA ILE B 123 18.28 13.74 12.26
C ILE B 123 17.09 13.70 13.24
N LYS B 124 16.15 14.63 13.10
CA LYS B 124 15.01 14.65 14.01
C LYS B 124 13.71 14.14 13.37
N SER B 125 13.59 14.32 12.05
CA SER B 125 12.43 13.87 11.30
C SER B 125 12.89 13.32 9.97
N ALA B 126 12.06 12.47 9.38
CA ALA B 126 12.38 11.87 8.09
C ALA B 126 12.77 12.99 7.10
N VAL B 127 12.07 14.12 7.17
CA VAL B 127 12.36 15.23 6.26
C VAL B 127 13.79 15.77 6.34
N ASP B 128 14.49 15.51 7.45
CA ASP B 128 15.86 15.99 7.57
C ASP B 128 16.77 15.11 6.74
N ARG B 129 16.36 13.86 6.61
CA ARG B 129 17.13 12.87 5.88
C ARG B 129 17.05 13.07 4.37
N THR B 130 15.96 13.69 3.91
CA THR B 130 15.79 13.90 2.48
C THR B 130 16.93 14.62 1.78
N PRO B 131 17.41 15.73 2.35
CA PRO B 131 18.53 16.45 1.72
C PRO B 131 19.75 15.56 1.52
N PHE B 132 19.99 14.68 2.50
CA PHE B 132 21.11 13.75 2.43
C PHE B 132 20.90 12.73 1.32
N HIS B 133 19.66 12.27 1.19
CA HIS B 133 19.35 11.33 0.15
C HIS B 133 19.64 12.02 -1.17
N HIS B 134 19.24 13.28 -1.25
CA HIS B 134 19.44 14.03 -2.48
C HIS B 134 20.90 14.20 -2.86
N LYS B 135 21.74 14.59 -1.90
CA LYS B 135 23.17 14.78 -2.16
C LYS B 135 23.84 13.51 -2.63
N TRP B 136 23.42 12.38 -2.08
CA TRP B 136 23.99 11.10 -2.43
C TRP B 136 23.59 10.71 -3.84
N LEU B 137 22.36 11.03 -4.20
CA LEU B 137 21.82 10.67 -5.50
C LEU B 137 22.18 11.59 -6.66
N GLU B 138 22.38 12.88 -6.38
CA GLU B 138 22.62 13.82 -7.46
C GLU B 138 23.83 13.55 -8.35
N GLY B 139 24.93 13.07 -7.78
CA GLY B 139 26.08 12.80 -8.61
C GLY B 139 26.12 11.42 -9.22
N ARG B 140 25.42 10.47 -8.62
CA ARG B 140 25.43 9.10 -9.12
C ARG B 140 24.32 8.73 -10.09
N ILE B 141 23.21 9.48 -10.10
CA ILE B 141 22.11 9.13 -11.00
C ILE B 141 22.22 9.88 -12.32
N LYS B 142 22.96 10.97 -12.29
CA LYS B 142 23.20 11.80 -13.47
C LYS B 142 23.54 10.86 -14.63
N GLY B 143 22.87 11.06 -15.76
CA GLY B 143 23.11 10.21 -16.92
C GLY B 143 22.20 8.99 -17.02
N LYS B 144 21.46 8.67 -15.96
CA LYS B 144 20.60 7.49 -15.97
C LYS B 144 19.15 7.82 -15.68
N GLU B 145 18.81 9.10 -15.79
CA GLU B 145 17.46 9.56 -15.50
C GLU B 145 16.34 8.81 -16.22
N ASN B 146 16.56 8.38 -17.44
CA ASN B 146 15.48 7.70 -18.15
C ASN B 146 15.36 6.25 -17.73
N GLU B 147 16.43 5.69 -17.17
CA GLU B 147 16.36 4.33 -16.71
C GLU B 147 15.43 4.35 -15.49
N VAL B 148 15.52 5.43 -14.70
CA VAL B 148 14.66 5.61 -13.53
C VAL B 148 13.20 5.75 -13.99
N ARG B 149 12.98 6.55 -15.04
CA ARG B 149 11.64 6.76 -15.55
C ARG B 149 11.02 5.49 -16.13
N LEU B 150 11.81 4.69 -16.85
CA LEU B 150 11.32 3.44 -17.40
C LEU B 150 10.90 2.52 -16.25
N LEU B 151 11.72 2.47 -15.20
CA LEU B 151 11.42 1.64 -14.04
C LEU B 151 10.17 2.13 -13.31
N LYS B 152 10.03 3.45 -13.18
CA LYS B 152 8.87 4.02 -12.51
C LYS B 152 7.62 3.74 -13.33
N GLY B 153 7.73 3.91 -14.65
CA GLY B 153 6.60 3.68 -15.52
C GLY B 153 6.10 2.25 -15.45
N PHE B 154 7.03 1.31 -15.30
CA PHE B 154 6.75 -0.11 -15.21
C PHE B 154 5.97 -0.47 -13.94
N LEU B 155 6.45 0.01 -12.79
CA LEU B 155 5.82 -0.23 -11.50
C LEU B 155 4.44 0.46 -11.39
N LYS B 156 4.36 1.68 -11.90
CA LYS B 156 3.13 2.44 -11.86
C LYS B 156 2.09 1.76 -12.74
N ALA B 157 2.46 1.45 -13.97
CA ALA B 157 1.54 0.80 -14.88
C ALA B 157 0.99 -0.46 -14.25
N ASN B 158 1.83 -1.19 -13.52
CA ASN B 158 1.42 -2.44 -12.87
C ASN B 158 0.95 -2.33 -11.42
N GLY B 159 0.44 -1.16 -11.05
CA GLY B 159 -0.10 -0.92 -9.72
C GLY B 159 0.72 -1.06 -8.47
N ILE B 160 2.05 -0.96 -8.60
CA ILE B 160 2.90 -1.09 -7.42
C ILE B 160 3.96 -0.01 -7.33
N TYR B 161 3.71 1.14 -7.91
CA TYR B 161 4.70 2.19 -7.85
C TYR B 161 4.99 2.85 -6.51
N GLY B 162 4.07 3.59 -5.92
CA GLY B 162 4.38 4.20 -4.62
C GLY B 162 4.58 3.36 -3.36
N ALA B 163 5.12 3.98 -2.30
CA ALA B 163 5.34 3.29 -1.03
C ALA B 163 4.30 3.64 0.05
N GLU B 164 3.31 4.46 -0.29
CA GLU B 164 2.30 4.80 0.71
C GLU B 164 1.45 3.55 0.98
N TYR B 165 0.75 3.54 2.11
CA TYR B 165 -0.04 2.37 2.47
C TYR B 165 -1.09 1.85 1.49
N LYS B 166 -1.60 2.71 0.63
CA LYS B 166 -2.59 2.28 -0.35
C LYS B 166 -1.95 1.37 -1.39
N VAL B 167 -0.63 1.44 -1.51
CA VAL B 167 0.07 0.66 -2.50
C VAL B 167 1.06 -0.35 -1.94
N ARG B 168 1.82 0.03 -0.93
CA ARG B 168 2.83 -0.87 -0.36
C ARG B 168 3.78 -1.36 -1.44
N GLY B 169 4.20 -0.44 -2.31
CA GLY B 169 5.10 -0.79 -3.38
C GLY B 169 6.48 -0.15 -3.25
N PHE B 170 7.05 0.25 -4.38
CA PHE B 170 8.39 0.82 -4.48
C PHE B 170 8.58 2.34 -4.57
N SER B 171 9.02 2.98 -3.51
CA SER B 171 9.07 4.44 -3.53
C SER B 171 10.00 4.95 -4.65
N GLY B 172 9.90 6.24 -4.96
CA GLY B 172 10.73 6.80 -5.99
C GLY B 172 12.20 6.64 -5.61
N TYR B 173 12.53 7.03 -4.39
CA TYR B 173 13.90 6.94 -3.89
C TYR B 173 14.47 5.55 -4.12
N LEU B 174 13.67 4.55 -3.80
CA LEU B 174 14.09 3.16 -3.97
C LEU B 174 14.44 2.86 -5.42
N CYS B 175 13.65 3.41 -6.34
CA CYS B 175 13.87 3.17 -7.76
C CYS B 175 15.23 3.72 -8.22
N GLU B 176 15.59 4.90 -7.72
CA GLU B 176 16.85 5.48 -8.11
C GLU B 176 18.02 4.68 -7.54
N LEU B 177 17.86 4.17 -6.32
CA LEU B 177 18.91 3.37 -5.73
C LEU B 177 19.06 2.09 -6.56
N LEU B 178 17.94 1.55 -7.03
CA LEU B 178 17.99 0.34 -7.84
C LEU B 178 18.74 0.55 -9.16
N ILE B 179 18.63 1.74 -9.74
CA ILE B 179 19.32 2.04 -10.98
C ILE B 179 20.80 2.28 -10.72
N VAL B 180 21.12 2.97 -9.64
CA VAL B 180 22.52 3.24 -9.33
C VAL B 180 23.23 1.92 -9.10
N PHE B 181 22.49 0.93 -8.64
CA PHE B 181 23.05 -0.38 -8.35
C PHE B 181 23.19 -1.23 -9.60
N TYR B 182 22.09 -1.41 -10.33
CA TYR B 182 22.11 -2.24 -11.52
C TYR B 182 22.56 -1.57 -12.80
N GLY B 183 22.59 -0.23 -12.80
CA GLY B 183 23.04 0.51 -13.96
C GLY B 183 21.99 0.88 -14.98
N SER B 184 20.86 0.19 -14.98
CA SER B 184 19.80 0.49 -15.94
C SER B 184 18.54 -0.28 -15.62
N PHE B 185 17.47 0.04 -16.32
CA PHE B 185 16.19 -0.65 -16.12
C PHE B 185 16.27 -2.13 -16.46
N LEU B 186 16.81 -2.44 -17.63
CA LEU B 186 16.93 -3.83 -18.05
C LEU B 186 17.76 -4.66 -17.07
N GLU B 187 18.89 -4.12 -16.63
CA GLU B 187 19.73 -4.85 -15.67
C GLU B 187 19.01 -5.07 -14.35
N THR B 188 18.21 -4.08 -13.94
CA THR B 188 17.44 -4.18 -12.71
C THR B 188 16.43 -5.32 -12.88
N VAL B 189 15.72 -5.29 -14.00
CA VAL B 189 14.73 -6.30 -14.33
C VAL B 189 15.35 -7.70 -14.49
N LYS B 190 16.47 -7.78 -15.19
CA LYS B 190 17.12 -9.08 -15.39
C LYS B 190 17.50 -9.74 -14.08
N ASN B 191 18.06 -8.96 -13.16
CA ASN B 191 18.49 -9.48 -11.86
C ASN B 191 17.33 -9.66 -10.86
N ALA B 192 16.32 -8.80 -10.93
CA ALA B 192 15.20 -8.91 -10.00
C ALA B 192 14.53 -10.28 -10.10
N ARG B 193 14.64 -10.92 -11.27
CA ARG B 193 14.05 -12.24 -11.48
C ARG B 193 14.66 -13.28 -10.55
N ARG B 194 15.81 -12.97 -9.97
CA ARG B 194 16.53 -13.87 -9.07
C ARG B 194 16.38 -13.46 -7.60
N TRP B 195 15.57 -12.43 -7.37
CA TRP B 195 15.33 -11.95 -6.01
C TRP B 195 14.48 -12.95 -5.21
N THR B 196 14.75 -13.03 -3.92
CA THR B 196 13.97 -13.90 -3.05
C THR B 196 13.45 -13.02 -1.94
N ARG B 197 12.67 -13.58 -1.04
CA ARG B 197 12.13 -12.83 0.09
C ARG B 197 13.23 -12.63 1.14
N ARG B 198 14.41 -13.18 0.86
CA ARG B 198 15.53 -13.06 1.79
C ARG B 198 16.66 -12.19 1.23
N THR B 199 16.43 -11.61 0.06
CA THR B 199 17.44 -10.78 -0.56
C THR B 199 17.72 -9.48 0.21
N VAL B 200 18.98 -9.10 0.24
CA VAL B 200 19.41 -7.87 0.88
C VAL B 200 20.30 -7.16 -0.14
N ILE B 201 19.89 -5.96 -0.54
CA ILE B 201 20.65 -5.19 -1.50
C ILE B 201 21.26 -4.02 -0.76
N ASP B 202 22.60 -4.01 -0.71
CA ASP B 202 23.33 -2.95 -0.01
C ASP B 202 24.03 -2.08 -1.03
N VAL B 203 23.39 -0.98 -1.41
CA VAL B 203 23.95 -0.05 -2.41
C VAL B 203 25.34 0.49 -2.08
N ALA B 204 25.54 0.92 -0.84
CA ALA B 204 26.81 1.49 -0.42
C ALA B 204 27.97 0.51 -0.53
N LYS B 205 27.74 -0.75 -0.14
CA LYS B 205 28.79 -1.75 -0.22
C LYS B 205 28.82 -2.45 -1.58
N GLY B 206 27.94 -2.03 -2.48
CA GLY B 206 27.87 -2.64 -3.81
C GLY B 206 27.78 -4.15 -3.67
N GLU B 207 26.97 -4.60 -2.71
CA GLU B 207 26.83 -6.03 -2.42
C GLU B 207 25.37 -6.53 -2.37
N VAL B 208 25.21 -7.84 -2.53
CA VAL B 208 23.91 -8.51 -2.46
C VAL B 208 24.12 -9.73 -1.59
N ARG B 209 23.32 -9.85 -0.53
CA ARG B 209 23.45 -10.98 0.37
C ARG B 209 22.10 -11.51 0.84
N LYS B 210 22.15 -12.56 1.66
CA LYS B 210 20.96 -13.18 2.19
C LYS B 210 20.70 -12.62 3.59
N GLY B 211 19.47 -12.18 3.83
CA GLY B 211 19.13 -11.64 5.14
C GLY B 211 17.93 -12.40 5.69
N GLU B 212 17.22 -11.77 6.62
CA GLU B 212 16.04 -12.39 7.21
C GLU B 212 14.77 -11.84 6.56
N GLU B 213 14.94 -10.84 5.70
CA GLU B 213 13.81 -10.18 5.02
C GLU B 213 14.33 -9.40 3.81
N PHE B 214 13.43 -8.97 2.93
CA PHE B 214 13.88 -8.18 1.78
C PHE B 214 14.37 -6.87 2.37
N PHE B 215 15.64 -6.56 2.16
CA PHE B 215 16.19 -5.35 2.75
C PHE B 215 17.15 -4.59 1.83
N VAL B 216 16.77 -3.36 1.50
CA VAL B 216 17.58 -2.50 0.64
C VAL B 216 18.15 -1.43 1.57
N VAL B 217 19.38 -1.60 2.00
CA VAL B 217 19.93 -0.63 2.94
C VAL B 217 20.17 0.75 2.35
N ASP B 218 19.69 1.73 3.11
CA ASP B 218 19.81 3.12 2.77
C ASP B 218 21.29 3.51 2.82
N PRO B 219 21.81 4.09 1.73
CA PRO B 219 23.23 4.49 1.68
C PRO B 219 23.53 5.49 2.79
N VAL B 220 22.57 6.36 3.07
CA VAL B 220 22.69 7.38 4.09
C VAL B 220 22.50 6.91 5.53
N ASP B 221 22.08 5.66 5.72
CA ASP B 221 21.86 5.15 7.06
C ASP B 221 21.73 3.67 6.74
N GLU B 222 22.73 2.91 7.15
CA GLU B 222 22.74 1.45 7.06
C GLU B 222 21.68 0.71 7.90
N LYS B 223 21.08 1.36 8.89
CA LYS B 223 20.08 0.68 9.72
C LYS B 223 18.67 0.81 9.17
N ARG B 224 18.53 1.62 8.13
CA ARG B 224 17.25 1.89 7.51
C ARG B 224 17.01 1.06 6.24
N ASN B 225 15.85 0.43 6.14
CA ASN B 225 15.50 -0.37 4.97
C ASN B 225 14.64 0.50 4.06
N VAL B 226 15.15 0.81 2.88
CA VAL B 226 14.41 1.67 1.95
C VAL B 226 13.12 1.03 1.45
N ALA B 227 13.11 -0.30 1.36
CA ALA B 227 11.95 -1.06 0.89
C ALA B 227 11.14 -1.63 2.07
N ALA B 228 11.24 -0.96 3.22
CA ALA B 228 10.54 -1.42 4.41
C ALA B 228 9.06 -1.66 4.21
N ASN B 229 8.41 -0.80 3.43
CA ASN B 229 6.98 -0.94 3.21
C ASN B 229 6.57 -1.64 1.93
N LEU B 230 7.52 -2.28 1.25
CA LEU B 230 7.20 -3.04 0.05
C LEU B 230 6.64 -4.35 0.59
N SER B 231 5.36 -4.61 0.35
CA SER B 231 4.76 -5.83 0.87
C SER B 231 5.38 -7.06 0.23
N LEU B 232 5.26 -8.18 0.93
CA LEU B 232 5.78 -9.44 0.45
C LEU B 232 5.13 -9.82 -0.88
N ASP B 233 3.80 -9.77 -0.95
CA ASP B 233 3.14 -10.13 -2.20
C ASP B 233 3.45 -9.19 -3.36
N ASN B 234 3.69 -7.91 -3.06
CA ASN B 234 4.03 -6.95 -4.11
C ASN B 234 5.45 -7.24 -4.60
N LEU B 235 6.32 -7.60 -3.67
CA LEU B 235 7.68 -7.95 -4.02
C LEU B 235 7.58 -9.13 -4.99
N ALA B 236 6.67 -10.05 -4.69
CA ALA B 236 6.47 -11.24 -5.51
C ALA B 236 5.89 -10.91 -6.88
N ARG B 237 4.94 -9.98 -6.94
CA ARG B 237 4.37 -9.65 -8.23
C ARG B 237 5.44 -9.04 -9.12
N PHE B 238 6.35 -8.27 -8.53
CA PHE B 238 7.40 -7.64 -9.31
C PHE B 238 8.36 -8.67 -9.92
N VAL B 239 8.77 -9.63 -9.10
CA VAL B 239 9.68 -10.65 -9.56
C VAL B 239 9.09 -11.43 -10.71
N HIS B 240 7.85 -11.85 -10.55
CA HIS B 240 7.14 -12.60 -11.58
C HIS B 240 6.94 -11.73 -12.82
N LEU B 241 6.75 -10.42 -12.59
CA LEU B 241 6.56 -9.49 -13.67
C LEU B 241 7.84 -9.39 -14.50
N CYS B 242 8.99 -9.43 -13.83
CA CYS B 242 10.26 -9.33 -14.55
C CYS B 242 10.51 -10.59 -15.36
N ARG B 243 10.17 -11.74 -14.78
CA ARG B 243 10.35 -13.01 -15.49
C ARG B 243 9.51 -13.04 -16.77
N GLU B 244 8.31 -12.47 -16.70
CA GLU B 244 7.43 -12.44 -17.86
C GLU B 244 7.89 -11.48 -18.93
N PHE B 245 8.28 -10.27 -18.51
CA PHE B 245 8.72 -9.26 -19.45
C PHE B 245 9.97 -9.67 -20.22
N MET B 246 10.89 -10.33 -19.53
CA MET B 246 12.11 -10.76 -20.18
C MET B 246 11.82 -11.92 -21.12
N GLU B 247 10.72 -12.61 -20.88
CA GLU B 247 10.36 -13.72 -21.73
C GLU B 247 9.58 -13.27 -22.97
N ALA B 248 8.79 -12.23 -22.83
CA ALA B 248 8.01 -11.71 -23.94
C ALA B 248 7.82 -10.21 -23.82
N PRO B 249 8.89 -9.44 -24.02
CA PRO B 249 8.84 -7.98 -23.93
C PRO B 249 7.66 -7.39 -24.69
N SER B 250 6.95 -6.46 -24.07
CA SER B 250 5.81 -5.81 -24.71
C SER B 250 5.66 -4.38 -24.22
N LEU B 251 4.97 -3.56 -24.99
CA LEU B 251 4.78 -2.18 -24.60
C LEU B 251 3.63 -2.15 -23.61
N GLY B 252 2.86 -3.24 -23.58
CA GLY B 252 1.72 -3.32 -22.68
C GLY B 252 2.10 -3.37 -21.21
N PHE B 253 3.40 -3.53 -20.95
CA PHE B 253 3.88 -3.57 -19.58
C PHE B 253 4.01 -2.16 -18.99
N PHE B 254 3.99 -1.17 -19.87
CA PHE B 254 4.12 0.21 -19.40
C PHE B 254 2.81 0.96 -19.53
N LYS B 255 1.77 0.27 -19.98
CA LYS B 255 0.45 0.89 -20.16
C LYS B 255 -0.51 0.43 -19.07
N PRO B 256 -1.17 1.38 -18.39
CA PRO B 256 -2.14 1.07 -17.33
C PRO B 256 -3.26 0.23 -17.90
N LYS B 257 -3.67 -0.81 -17.18
CA LYS B 257 -4.73 -1.67 -17.67
C LYS B 257 -6.12 -1.04 -17.49
N HIS B 258 -6.96 -1.21 -18.51
CA HIS B 258 -8.32 -0.69 -18.48
C HIS B 258 -9.09 -1.41 -17.37
N PRO B 259 -9.92 -0.69 -16.61
CA PRO B 259 -10.69 -1.31 -15.53
C PRO B 259 -11.47 -2.56 -15.98
N LEU B 260 -11.56 -2.75 -17.30
CA LEU B 260 -12.27 -3.88 -17.90
C LEU B 260 -13.50 -4.27 -17.09
N GLU B 261 -14.42 -3.32 -16.96
CA GLU B 261 -15.65 -3.53 -16.20
C GLU B 261 -16.52 -4.63 -16.80
N ILE B 262 -17.27 -5.29 -15.92
CA ILE B 262 -18.13 -6.42 -16.30
C ILE B 262 -19.59 -6.15 -15.93
N GLU B 263 -20.52 -6.59 -16.77
CA GLU B 263 -21.93 -6.38 -16.44
C GLU B 263 -22.27 -7.22 -15.20
N PRO B 264 -22.96 -6.61 -14.23
CA PRO B 264 -23.30 -7.36 -13.02
C PRO B 264 -24.02 -8.69 -13.25
N GLU B 265 -24.75 -8.82 -14.36
CA GLU B 265 -25.45 -10.06 -14.60
C GLU B 265 -24.45 -11.21 -14.73
N ARG B 266 -23.38 -11.00 -15.49
CA ARG B 266 -22.37 -12.03 -15.64
C ARG B 266 -21.72 -12.32 -14.30
N LEU B 267 -21.52 -11.28 -13.49
CA LEU B 267 -20.90 -11.46 -12.19
C LEU B 267 -21.75 -12.43 -11.37
N ARG B 268 -23.05 -12.18 -11.31
CA ARG B 268 -23.97 -13.05 -10.58
C ARG B 268 -23.80 -14.50 -11.01
N LYS B 269 -23.80 -14.74 -12.33
CA LYS B 269 -23.66 -16.09 -12.88
C LYS B 269 -22.39 -16.79 -12.44
N ILE B 270 -21.31 -16.02 -12.30
CA ILE B 270 -20.05 -16.58 -11.88
C ILE B 270 -20.12 -17.01 -10.42
N VAL B 271 -20.71 -16.18 -9.58
CA VAL B 271 -20.85 -16.51 -8.16
C VAL B 271 -21.75 -17.72 -8.01
N GLU B 272 -22.59 -17.92 -9.03
CA GLU B 272 -23.51 -19.05 -9.08
C GLU B 272 -22.65 -20.27 -9.41
N GLU B 273 -21.86 -20.15 -10.47
CA GLU B 273 -20.95 -21.20 -10.93
C GLU B 273 -20.00 -21.64 -9.82
N ARG B 274 -19.60 -20.70 -8.96
CA ARG B 274 -18.69 -20.97 -7.84
C ARG B 274 -19.38 -21.62 -6.65
N GLY B 275 -20.68 -21.37 -6.53
CA GLY B 275 -21.46 -21.91 -5.43
C GLY B 275 -20.99 -21.42 -4.08
N THR B 276 -20.33 -20.27 -4.04
CA THR B 276 -19.83 -19.76 -2.79
C THR B 276 -20.70 -18.67 -2.22
N ALA B 277 -20.36 -18.24 -1.01
CA ALA B 277 -21.06 -17.16 -0.34
C ALA B 277 -20.19 -15.93 -0.57
N VAL B 278 -20.75 -14.93 -1.23
CA VAL B 278 -20.02 -13.70 -1.48
C VAL B 278 -20.79 -12.59 -0.80
N PHE B 279 -20.10 -11.82 0.00
CA PHE B 279 -20.78 -10.73 0.69
C PHE B 279 -19.82 -9.64 1.13
N ALA B 280 -20.39 -8.51 1.52
CA ALA B 280 -19.57 -7.40 1.94
C ALA B 280 -20.15 -6.79 3.18
N VAL B 281 -19.28 -6.10 3.90
CA VAL B 281 -19.62 -5.39 5.11
C VAL B 281 -19.51 -3.94 4.66
N LYS B 282 -20.62 -3.22 4.65
CA LYS B 282 -20.63 -1.84 4.22
C LYS B 282 -20.79 -0.94 5.43
N PHE B 283 -20.01 0.13 5.47
CA PHE B 283 -20.08 1.10 6.57
C PHE B 283 -19.56 2.44 6.05
N ARG B 284 -19.62 3.48 6.86
CA ARG B 284 -19.16 4.78 6.39
C ARG B 284 -17.66 5.02 6.51
N LYS B 285 -17.07 5.52 5.43
CA LYS B 285 -15.65 5.80 5.42
C LYS B 285 -15.33 6.89 6.43
N PRO B 286 -14.48 6.58 7.41
CA PRO B 286 -14.15 7.61 8.39
C PRO B 286 -13.42 8.72 7.62
N ASP B 287 -13.55 9.96 8.10
CA ASP B 287 -12.88 11.07 7.43
C ASP B 287 -11.44 11.19 7.93
N ILE B 288 -10.57 10.37 7.36
CA ILE B 288 -9.16 10.35 7.72
C ILE B 288 -8.38 10.12 6.45
N VAL B 289 -7.07 10.31 6.53
CA VAL B 289 -6.22 10.16 5.35
C VAL B 289 -5.95 8.71 4.99
N ASP B 290 -5.79 8.47 3.70
CA ASP B 290 -5.51 7.14 3.18
C ASP B 290 -4.45 6.41 3.98
N ASP B 291 -3.41 7.10 4.43
CA ASP B 291 -2.36 6.45 5.20
C ASP B 291 -2.77 5.89 6.55
N ASN B 292 -3.89 6.35 7.09
CA ASN B 292 -4.36 5.82 8.38
C ASN B 292 -5.50 4.85 8.11
N LEU B 293 -6.27 5.14 7.06
CA LEU B 293 -7.42 4.36 6.68
C LEU B 293 -7.12 2.97 6.10
N TYR B 294 -6.24 2.91 5.10
CA TYR B 294 -5.96 1.61 4.50
C TYR B 294 -5.36 0.59 5.46
N PRO B 295 -4.45 1.01 6.34
CA PRO B 295 -3.94 -0.02 7.24
C PRO B 295 -5.09 -0.55 8.12
N GLN B 296 -6.08 0.31 8.36
CA GLN B 296 -7.23 -0.09 9.18
C GLN B 296 -8.12 -1.02 8.42
N LEU B 297 -8.34 -0.74 7.13
CA LEU B 297 -9.17 -1.62 6.32
C LEU B 297 -8.52 -2.99 6.29
N GLU B 298 -7.18 -3.01 6.27
CA GLU B 298 -6.46 -4.27 6.26
C GLU B 298 -6.64 -5.05 7.56
N ARG B 299 -6.54 -4.37 8.69
CA ARG B 299 -6.71 -5.06 9.96
C ARG B 299 -8.14 -5.58 10.08
N ALA B 300 -9.11 -4.69 9.85
CA ALA B 300 -10.51 -5.05 9.93
C ALA B 300 -10.83 -6.27 9.04
N SER B 301 -10.34 -6.23 7.82
CA SER B 301 -10.55 -7.30 6.88
C SER B 301 -9.93 -8.62 7.38
N ARG B 302 -8.73 -8.51 7.96
CA ARG B 302 -8.01 -9.66 8.47
C ARG B 302 -8.69 -10.28 9.68
N LYS B 303 -9.06 -9.45 10.66
CA LYS B 303 -9.69 -9.94 11.87
C LYS B 303 -10.95 -10.74 11.55
N ILE B 304 -11.72 -10.24 10.59
CA ILE B 304 -12.95 -10.89 10.19
C ILE B 304 -12.68 -12.19 9.40
N PHE B 305 -11.64 -12.17 8.57
CA PHE B 305 -11.26 -13.34 7.79
C PHE B 305 -10.92 -14.48 8.75
N GLU B 306 -10.18 -14.14 9.80
CA GLU B 306 -9.78 -15.11 10.81
C GLU B 306 -10.97 -15.61 11.60
N PHE B 307 -11.95 -14.75 11.81
CA PHE B 307 -13.15 -15.16 12.52
C PHE B 307 -13.84 -16.21 11.63
N LEU B 308 -13.91 -15.92 10.34
CA LEU B 308 -14.53 -16.84 9.40
C LEU B 308 -13.81 -18.20 9.37
N GLU B 309 -12.48 -18.23 9.44
CA GLU B 309 -11.87 -19.54 9.41
C GLU B 309 -11.95 -20.36 10.70
N ARG B 310 -11.84 -19.73 11.86
CA ARG B 310 -11.92 -20.53 13.08
C ARG B 310 -13.37 -20.97 13.27
N GLU B 311 -14.27 -20.27 12.60
CA GLU B 311 -15.67 -20.60 12.69
C GLU B 311 -16.08 -21.60 11.60
N ASN B 312 -15.09 -22.12 10.89
CA ASN B 312 -15.26 -23.12 9.84
C ASN B 312 -16.07 -22.76 8.61
N PHE B 313 -16.08 -21.49 8.23
CA PHE B 313 -16.83 -21.11 7.05
C PHE B 313 -15.98 -21.21 5.80
N MET B 314 -14.74 -21.68 5.98
CA MET B 314 -13.80 -21.88 4.88
C MET B 314 -13.71 -20.70 3.92
N PRO B 315 -13.15 -19.58 4.39
CA PRO B 315 -13.00 -18.36 3.60
C PRO B 315 -11.95 -18.57 2.51
N LEU B 316 -12.21 -18.01 1.34
CA LEU B 316 -11.27 -18.13 0.23
C LEU B 316 -10.32 -16.94 0.21
N ARG B 317 -10.87 -15.74 0.11
CA ARG B 317 -10.06 -14.53 0.12
C ARG B 317 -10.91 -13.36 0.58
N SER B 318 -10.24 -12.26 0.94
CA SER B 318 -10.95 -11.06 1.35
C SER B 318 -10.47 -9.94 0.45
N ALA B 319 -11.12 -8.79 0.54
CA ALA B 319 -10.73 -7.64 -0.25
C ALA B 319 -11.37 -6.47 0.44
N PHE B 320 -11.28 -5.29 -0.16
CA PHE B 320 -11.88 -4.11 0.43
C PHE B 320 -11.75 -2.91 -0.50
N LYS B 321 -12.69 -1.99 -0.41
CA LYS B 321 -12.65 -0.80 -1.24
C LYS B 321 -13.15 0.41 -0.48
N ALA B 322 -12.50 1.55 -0.69
CA ALA B 322 -12.90 2.78 -0.06
C ALA B 322 -13.46 3.69 -1.15
N SER B 323 -14.28 4.65 -0.74
CA SER B 323 -14.89 5.61 -1.64
C SER B 323 -14.98 6.90 -0.86
N GLU B 324 -15.64 7.90 -1.43
CA GLU B 324 -15.78 9.16 -0.74
C GLU B 324 -16.79 8.87 0.35
N GLU B 325 -17.77 8.08 -0.06
CA GLU B 325 -18.90 7.68 0.75
C GLU B 325 -18.83 6.58 1.82
N PHE B 326 -18.52 5.36 1.38
CA PHE B 326 -18.40 4.23 2.29
C PHE B 326 -17.18 3.35 2.06
N CYS B 327 -17.07 2.34 2.90
CA CYS B 327 -15.99 1.37 2.82
C CYS B 327 -16.62 -0.02 2.72
N TYR B 328 -15.98 -0.88 1.94
CA TYR B 328 -16.50 -2.23 1.76
C TYR B 328 -15.44 -3.25 2.06
N LEU B 329 -15.76 -4.19 2.94
CA LEU B 329 -14.85 -5.27 3.25
C LEU B 329 -15.50 -6.43 2.53
N LEU B 330 -14.81 -7.02 1.57
CA LEU B 330 -15.38 -8.11 0.79
C LEU B 330 -14.94 -9.49 1.26
N PHE B 331 -15.81 -10.48 1.05
CA PHE B 331 -15.52 -11.85 1.46
C PHE B 331 -16.16 -12.89 0.54
N GLU B 332 -15.49 -14.03 0.42
CA GLU B 332 -15.99 -15.16 -0.35
C GLU B 332 -15.67 -16.39 0.48
N CYS B 333 -16.70 -17.18 0.77
CA CYS B 333 -16.54 -18.38 1.58
C CYS B 333 -17.04 -19.61 0.86
N GLN B 334 -16.54 -20.77 1.29
CA GLN B 334 -16.93 -22.04 0.68
C GLN B 334 -18.19 -22.60 1.34
N ILE B 335 -18.50 -22.13 2.53
CA ILE B 335 -19.66 -22.61 3.24
C ILE B 335 -20.75 -21.54 3.38
N LYS B 336 -21.85 -21.73 2.64
CA LYS B 336 -22.98 -20.81 2.70
C LYS B 336 -23.79 -21.10 3.97
N GLU B 337 -23.85 -22.38 4.33
CA GLU B 337 -24.59 -22.81 5.51
C GLU B 337 -23.93 -24.03 6.11
N ILE B 338 -23.76 -24.02 7.42
CA ILE B 338 -23.16 -25.12 8.15
C ILE B 338 -24.21 -25.60 9.14
N SER B 339 -24.14 -26.86 9.55
CA SER B 339 -25.11 -27.38 10.49
C SER B 339 -25.07 -26.57 11.78
N ARG B 340 -26.10 -26.77 12.61
CA ARG B 340 -26.18 -26.10 13.87
C ARG B 340 -25.32 -26.90 14.86
N VAL B 341 -25.35 -28.23 14.78
CA VAL B 341 -24.53 -29.07 15.68
C VAL B 341 -23.09 -29.21 15.21
N PHE B 342 -22.20 -29.31 16.18
CA PHE B 342 -20.77 -29.49 15.94
C PHE B 342 -20.21 -30.26 17.14
N ARG B 343 -18.98 -30.76 17.02
CA ARG B 343 -18.40 -31.55 18.10
C ARG B 343 -17.31 -30.85 18.92
N ARG B 344 -17.43 -30.98 20.24
CA ARG B 344 -16.48 -30.41 21.17
C ARG B 344 -15.64 -31.52 21.78
N MET B 345 -14.33 -31.32 21.81
CA MET B 345 -13.43 -32.32 22.38
C MET B 345 -13.43 -32.19 23.90
N GLY B 346 -13.62 -33.30 24.59
CA GLY B 346 -13.61 -33.29 26.04
C GLY B 346 -12.41 -34.04 26.57
N PRO B 347 -12.34 -34.28 27.88
CA PRO B 347 -11.22 -34.99 28.52
C PRO B 347 -11.10 -36.47 28.12
N GLN B 348 -9.93 -37.05 28.41
CA GLN B 348 -9.71 -38.47 28.12
C GLN B 348 -10.46 -39.25 29.17
N PHE B 349 -10.87 -40.49 28.89
CA PHE B 349 -11.67 -41.23 29.86
C PHE B 349 -11.06 -41.44 31.26
N GLU B 350 -9.74 -41.50 31.34
CA GLU B 350 -9.07 -41.69 32.62
C GLU B 350 -9.31 -40.52 33.57
N ASP B 351 -9.37 -39.31 33.00
CA ASP B 351 -9.57 -38.10 33.78
C ASP B 351 -10.99 -38.39 34.19
N GLU B 352 -11.15 -38.78 35.45
CA GLU B 352 -12.41 -38.81 36.17
C GLU B 352 -12.90 -37.45 36.64
N ARG B 353 -12.02 -36.64 37.23
CA ARG B 353 -12.41 -35.33 37.72
C ARG B 353 -12.99 -34.45 36.61
N ASN B 354 -12.22 -34.28 35.54
CA ASN B 354 -12.65 -33.45 34.42
C ASN B 354 -13.77 -34.08 33.60
N VAL B 355 -13.78 -35.41 33.49
CA VAL B 355 -14.85 -36.06 32.75
C VAL B 355 -16.17 -35.69 33.42
N LYS B 356 -16.16 -35.69 34.75
CA LYS B 356 -17.35 -35.38 35.54
C LYS B 356 -17.82 -33.95 35.31
N LYS B 357 -16.89 -33.01 35.24
CA LYS B 357 -17.27 -31.63 35.00
C LYS B 357 -17.79 -31.51 33.57
N PHE B 358 -17.13 -32.21 32.64
CA PHE B 358 -17.53 -32.18 31.24
C PHE B 358 -18.95 -32.70 31.04
N LEU B 359 -19.42 -33.58 31.91
CA LEU B 359 -20.77 -34.11 31.78
C LEU B 359 -21.78 -33.33 32.61
N SER B 360 -21.30 -32.50 33.53
CA SER B 360 -22.20 -31.73 34.37
C SER B 360 -23.04 -30.75 33.54
N ARG B 361 -22.45 -30.25 32.46
CA ARG B 361 -23.14 -29.31 31.57
C ARG B 361 -24.33 -29.98 30.89
N ASN B 362 -25.54 -29.54 31.21
CA ASN B 362 -26.68 -30.16 30.57
C ASN B 362 -26.75 -29.66 29.14
N ARG B 363 -26.70 -30.60 28.21
CA ARG B 363 -26.75 -30.29 26.80
C ARG B 363 -27.95 -31.03 26.22
N ALA B 364 -28.32 -30.68 24.99
CA ALA B 364 -29.46 -31.29 24.36
C ALA B 364 -29.17 -32.70 23.84
N PHE B 365 -27.90 -33.02 23.59
CA PHE B 365 -27.60 -34.33 23.03
C PHE B 365 -26.86 -35.47 23.74
N ARG B 366 -26.35 -35.30 24.94
CA ARG B 366 -25.69 -36.45 25.56
C ARG B 366 -24.37 -36.77 24.85
N PRO B 367 -23.24 -36.59 25.56
CA PRO B 367 -21.94 -36.87 24.94
C PRO B 367 -21.61 -38.34 24.75
N PHE B 368 -20.55 -38.59 23.98
CA PHE B 368 -20.10 -39.95 23.67
C PHE B 368 -18.59 -40.08 23.72
N ILE B 369 -18.12 -41.32 23.67
CA ILE B 369 -16.70 -41.66 23.67
C ILE B 369 -16.24 -41.99 22.25
N GLU B 370 -14.95 -41.82 21.99
CA GLU B 370 -14.39 -42.11 20.68
C GLU B 370 -12.93 -42.05 21.06
N ASN B 371 -12.18 -43.04 20.62
CA ASN B 371 -10.73 -43.02 20.73
C ASN B 371 -10.21 -42.60 22.08
N GLY B 372 -10.86 -43.09 23.12
CA GLY B 372 -10.39 -42.79 24.46
C GLY B 372 -10.80 -41.49 25.11
N ARG B 373 -11.47 -40.60 24.37
CA ARG B 373 -11.90 -39.38 25.01
C ARG B 373 -13.34 -39.06 24.75
N TRP B 374 -13.90 -38.26 25.64
CA TRP B 374 -15.28 -37.85 25.51
C TRP B 374 -15.39 -36.72 24.51
N TRP B 375 -16.57 -36.62 23.91
CA TRP B 375 -16.87 -35.59 22.94
C TRP B 375 -18.30 -35.16 23.18
N ALA B 376 -18.60 -33.89 22.92
CA ALA B 376 -19.96 -33.41 23.10
C ALA B 376 -20.50 -32.74 21.84
N PHE B 377 -21.81 -32.77 21.66
CA PHE B 377 -22.45 -32.14 20.53
C PHE B 377 -22.93 -30.81 21.08
N GLU B 378 -22.60 -29.72 20.37
CA GLU B 378 -23.00 -28.41 20.80
C GLU B 378 -23.78 -27.72 19.68
N MET B 379 -24.46 -26.62 20.00
CA MET B 379 -25.25 -25.89 19.02
C MET B 379 -24.70 -24.50 18.77
N ARG B 380 -24.58 -24.13 17.49
CA ARG B 380 -24.07 -22.81 17.09
C ARG B 380 -25.11 -21.70 17.23
N LYS B 381 -24.64 -20.48 17.45
CA LYS B 381 -25.55 -19.35 17.54
C LYS B 381 -25.85 -18.85 16.11
N PHE B 382 -25.05 -19.25 15.14
CA PHE B 382 -25.27 -18.85 13.76
C PHE B 382 -24.87 -19.96 12.81
N THR B 383 -25.51 -20.03 11.65
CA THR B 383 -25.21 -21.08 10.68
C THR B 383 -24.82 -20.60 9.29
N THR B 384 -24.65 -19.29 9.12
CA THR B 384 -24.21 -18.79 7.82
C THR B 384 -23.09 -17.79 8.05
N PRO B 385 -22.23 -17.57 7.04
CA PRO B 385 -21.12 -16.63 7.17
C PRO B 385 -21.61 -15.21 7.49
N GLU B 386 -22.60 -14.75 6.73
CA GLU B 386 -23.17 -13.42 6.89
C GLU B 386 -23.67 -13.26 8.32
N GLU B 387 -24.38 -14.29 8.77
CA GLU B 387 -24.96 -14.32 10.09
C GLU B 387 -23.84 -14.30 11.14
N GLY B 388 -22.71 -14.89 10.81
CA GLY B 388 -21.60 -14.91 11.74
C GLY B 388 -20.97 -13.53 11.84
N VAL B 389 -20.63 -12.94 10.70
CA VAL B 389 -20.03 -11.61 10.68
C VAL B 389 -20.94 -10.52 11.29
N ARG B 390 -22.26 -10.67 11.18
CA ARG B 390 -23.13 -9.68 11.79
C ARG B 390 -22.90 -9.73 13.29
N SER B 391 -22.71 -10.94 13.81
CA SER B 391 -22.47 -11.10 15.22
C SER B 391 -21.11 -10.55 15.60
N TYR B 392 -20.07 -11.02 14.90
CA TYR B 392 -18.70 -10.60 15.15
C TYR B 392 -18.50 -9.08 15.09
N ALA B 393 -18.89 -8.48 13.98
CA ALA B 393 -18.75 -7.04 13.81
C ALA B 393 -19.49 -6.28 14.90
N SER B 394 -20.73 -6.67 15.20
CA SER B 394 -21.54 -5.97 16.21
C SER B 394 -20.90 -5.93 17.60
N THR B 395 -20.19 -6.99 17.96
CA THR B 395 -19.57 -7.09 19.27
C THR B 395 -18.05 -6.90 19.30
N HIS B 396 -17.38 -6.96 18.15
CA HIS B 396 -15.93 -6.79 18.13
C HIS B 396 -15.47 -5.60 17.32
N TRP B 397 -16.36 -4.62 17.15
CA TRP B 397 -16.03 -3.42 16.39
C TRP B 397 -14.73 -2.79 16.86
N HIS B 398 -14.47 -2.83 18.16
CA HIS B 398 -13.28 -2.20 18.70
C HIS B 398 -11.95 -2.76 18.25
N THR B 399 -11.96 -4.00 17.74
CA THR B 399 -10.71 -4.62 17.31
C THR B 399 -10.45 -4.44 15.82
N LEU B 400 -11.29 -3.65 15.16
CA LEU B 400 -11.16 -3.44 13.72
C LEU B 400 -10.49 -2.13 13.31
N GLY B 401 -9.61 -1.61 14.15
CA GLY B 401 -8.95 -0.36 13.84
C GLY B 401 -9.66 0.75 14.58
N LYS B 402 -8.90 1.67 15.16
CA LYS B 402 -9.46 2.77 15.93
C LYS B 402 -10.63 3.46 15.23
N ASN B 403 -10.40 3.94 14.00
CA ASN B 403 -11.44 4.65 13.26
C ASN B 403 -12.45 3.77 12.54
N VAL B 404 -11.98 2.86 11.69
CA VAL B 404 -12.88 1.96 11.00
C VAL B 404 -13.82 1.27 12.00
N GLY B 405 -13.25 0.84 13.13
CA GLY B 405 -14.05 0.18 14.13
C GLY B 405 -15.09 1.09 14.75
N GLU B 406 -14.72 2.36 14.98
CA GLU B 406 -15.64 3.32 15.57
C GLU B 406 -16.80 3.60 14.63
N SER B 407 -16.52 3.56 13.34
CA SER B 407 -17.52 3.78 12.31
C SER B 407 -18.45 2.57 12.19
N ILE B 408 -17.88 1.37 12.28
CA ILE B 408 -18.70 0.16 12.18
C ILE B 408 -19.63 0.05 13.38
N ARG B 409 -19.16 0.55 14.52
CA ARG B 409 -19.94 0.55 15.75
C ARG B 409 -21.17 1.42 15.59
N GLU B 410 -21.02 2.60 14.96
CA GLU B 410 -22.16 3.48 14.77
C GLU B 410 -23.06 3.07 13.61
N TYR B 411 -22.54 2.21 12.74
CA TYR B 411 -23.32 1.70 11.61
C TYR B 411 -22.54 0.79 10.66
N PHE B 412 -23.22 -0.26 10.20
CA PHE B 412 -22.67 -1.23 9.25
C PHE B 412 -23.84 -2.07 8.77
N GLU B 413 -23.70 -2.65 7.59
CA GLU B 413 -24.68 -3.62 7.12
C GLU B 413 -23.96 -4.63 6.25
N ILE B 414 -24.58 -5.79 6.06
CA ILE B 414 -23.98 -6.81 5.23
C ILE B 414 -24.81 -7.02 3.97
N ILE B 415 -24.18 -6.81 2.82
CA ILE B 415 -24.84 -6.96 1.55
C ILE B 415 -24.40 -8.26 0.87
N SER B 416 -25.30 -8.83 0.07
CA SER B 416 -25.03 -10.05 -0.67
C SER B 416 -26.01 -10.05 -1.83
N GLY B 417 -26.23 -11.21 -2.44
CA GLY B 417 -27.15 -11.28 -3.55
C GLY B 417 -26.91 -10.22 -4.62
N GLU B 418 -27.97 -9.83 -5.33
CA GLU B 418 -27.89 -8.82 -6.37
C GLU B 418 -27.46 -7.50 -5.74
N LYS B 419 -28.14 -7.14 -4.66
CA LYS B 419 -27.88 -5.90 -3.94
C LYS B 419 -26.40 -5.57 -3.79
N LEU B 420 -25.55 -6.59 -3.84
CA LEU B 420 -24.10 -6.38 -3.71
C LEU B 420 -23.51 -5.93 -5.03
N PHE B 421 -23.80 -6.68 -6.09
CA PHE B 421 -23.32 -6.42 -7.44
C PHE B 421 -23.63 -5.01 -7.92
N LYS B 422 -24.41 -4.26 -7.15
CA LYS B 422 -24.80 -2.92 -7.55
C LYS B 422 -24.00 -1.87 -6.80
N GLU B 423 -23.14 -2.31 -5.89
CA GLU B 423 -22.30 -1.39 -5.13
C GLU B 423 -21.01 -1.24 -5.96
N PRO B 424 -20.23 -0.17 -5.70
CA PRO B 424 -18.96 0.11 -6.39
C PRO B 424 -17.89 -0.88 -5.94
N VAL B 425 -18.12 -2.17 -6.17
CA VAL B 425 -17.13 -3.18 -5.82
C VAL B 425 -16.92 -4.28 -6.85
N THR B 426 -17.57 -4.19 -8.01
CA THR B 426 -17.43 -5.24 -9.00
C THR B 426 -15.99 -5.49 -9.46
N ALA B 427 -15.14 -4.47 -9.38
CA ALA B 427 -13.76 -4.67 -9.81
C ALA B 427 -12.98 -5.46 -8.75
N GLU B 428 -13.12 -5.07 -7.49
CA GLU B 428 -12.42 -5.74 -6.40
C GLU B 428 -12.83 -7.22 -6.33
N LEU B 429 -14.11 -7.49 -6.58
CA LEU B 429 -14.64 -8.84 -6.57
C LEU B 429 -14.07 -9.68 -7.72
N CYS B 430 -13.86 -9.03 -8.87
CA CYS B 430 -13.32 -9.76 -9.99
C CYS B 430 -11.87 -10.12 -9.74
N GLU B 431 -11.14 -9.23 -9.10
CA GLU B 431 -9.73 -9.46 -8.79
C GLU B 431 -9.63 -10.50 -7.70
N MET B 432 -10.62 -10.49 -6.80
CA MET B 432 -10.64 -11.42 -5.68
C MET B 432 -10.98 -12.85 -6.07
N MET B 433 -11.75 -13.01 -7.15
CA MET B 433 -12.17 -14.33 -7.60
C MET B 433 -11.40 -14.85 -8.79
N GLY B 434 -10.49 -14.05 -9.34
CA GLY B 434 -9.74 -14.51 -10.49
C GLY B 434 -10.54 -14.46 -11.77
N VAL B 435 -11.60 -13.66 -11.78
CA VAL B 435 -12.41 -13.54 -12.98
C VAL B 435 -11.48 -13.14 -14.11
N LYS B 436 -11.42 -13.92 -15.18
CA LYS B 436 -10.54 -13.54 -16.28
C LYS B 436 -11.29 -13.38 -17.60
N ASP B 437 -10.57 -12.94 -18.64
CA ASP B 437 -11.16 -12.49 -19.92
C ASP B 437 -11.17 -10.95 -19.98
#